data_5KNV
#
_entry.id   5KNV
#
_cell.length_a   84.725
_cell.length_b   84.725
_cell.length_c   167.204
_cell.angle_alpha   90.000
_cell.angle_beta   90.000
_cell.angle_gamma   120.000
#
_symmetry.space_group_name_H-M   'P 31 2 1'
#
loop_
_entity.id
_entity.type
_entity.pdbx_description
1 polymer 'Hypoxanthine-guanine phosphoribosyltransferase'
2 non-polymer '2-[2-(6-oxidanylidene-1~{H}-purin-9-yl)ethyl-(4-phosphonobutyl)amino]ethylphosphonic acid'
3 non-polymer 'MAGNESIUM ION'
4 water water
#
_entity_poly.entity_id   1
_entity_poly.type   'polypeptide(L)'
_entity_poly.pdbx_seq_one_letter_code
;MVRDMKHTVEVMIPEAEIKARIAELGRQITERYKDSGSDMVLVGLLRGSFMFMADLCREVQVSHEVDFMTASSYGSGMST
TRDVKILKDLDEDIRGKDVLIVEDIIDSGNTLSKVREILSLREPKSLAICTLLDKPSRREVNVPVEFIGFSIPDEFVVGY
GIDYAQRYRHLPYIGKVILLDE
;
_entity_poly.pdbx_strand_id   A,B
#
loop_
_chem_comp.id
_chem_comp.type
_chem_comp.name
_chem_comp.formula
6W9 non-polymer '2-[2-(6-oxidanylidene-1~{H}-purin-9-yl)ethyl-(4-phosphonobutyl)amino]ethylphosphonic acid' 'C13 H23 N5 O7 P2'
MG non-polymer 'MAGNESIUM ION' 'Mg 2'
#
# COMPACT_ATOMS: atom_id res chain seq x y z
N MET A 5 -1.37 -29.29 2.82
CA MET A 5 -1.90 -27.95 2.88
C MET A 5 -2.42 -27.64 4.29
N LYS A 6 -2.66 -28.70 5.06
CA LYS A 6 -3.11 -28.54 6.44
C LYS A 6 -2.02 -27.90 7.29
N HIS A 7 -2.37 -26.80 7.95
CA HIS A 7 -1.38 -26.03 8.70
C HIS A 7 -1.98 -25.16 9.81
N THR A 8 -1.14 -24.32 10.39
CA THR A 8 -1.56 -23.37 11.42
C THR A 8 -0.54 -22.23 11.49
N VAL A 9 -0.89 -21.14 12.16
CA VAL A 9 -0.01 -19.98 12.22
C VAL A 9 0.26 -19.50 13.65
N GLU A 10 1.54 -19.44 14.01
CA GLU A 10 1.98 -18.92 15.30
C GLU A 10 2.71 -17.60 15.11
N VAL A 11 2.58 -16.71 16.10
CA VAL A 11 3.25 -15.41 16.04
C VAL A 11 4.76 -15.55 16.20
N MET A 12 5.50 -15.03 15.22
CA MET A 12 6.95 -15.04 15.27
C MET A 12 7.49 -13.66 15.64
N ILE A 13 6.99 -12.64 14.94
CA ILE A 13 7.34 -11.25 15.25
C ILE A 13 6.08 -10.44 15.52
N PRO A 14 5.78 -10.20 16.81
CA PRO A 14 4.58 -9.47 17.23
C PRO A 14 4.45 -8.08 16.61
N GLU A 15 3.21 -7.58 16.56
CA GLU A 15 2.90 -6.29 15.96
C GLU A 15 3.73 -5.15 16.58
N ALA A 16 3.92 -5.21 17.89
CA ALA A 16 4.64 -4.16 18.61
C ALA A 16 6.13 -4.17 18.27
N GLU A 17 6.68 -5.37 18.04
CA GLU A 17 8.09 -5.50 17.72
C GLU A 17 8.38 -4.98 16.31
N ILE A 18 7.43 -5.19 15.40
CA ILE A 18 7.55 -4.68 14.05
C ILE A 18 7.50 -3.15 14.08
N LYS A 19 6.54 -2.61 14.83
CA LYS A 19 6.36 -1.16 14.92
C LYS A 19 7.59 -0.47 15.50
N ALA A 20 8.21 -1.09 16.49
CA ALA A 20 9.41 -0.53 17.12
C ALA A 20 10.58 -0.54 16.14
N ARG A 21 10.69 -1.63 15.38
CA ARG A 21 11.79 -1.79 14.43
C ARG A 21 11.67 -0.80 13.27
N ILE A 22 10.44 -0.56 12.83
CA ILE A 22 10.19 0.36 11.73
C ILE A 22 10.45 1.80 12.16
N ALA A 23 10.15 2.09 13.42
CA ALA A 23 10.45 3.40 14.01
C ALA A 23 11.95 3.67 13.95
N GLU A 24 12.76 2.65 14.25
N GLU A 24 12.74 2.64 14.26
CA GLU A 24 14.20 2.79 14.18
CA GLU A 24 14.19 2.73 14.19
C GLU A 24 14.66 2.92 12.73
C GLU A 24 14.65 2.92 12.74
N LEU A 25 14.07 2.13 11.85
CA LEU A 25 14.39 2.20 10.42
C LEU A 25 14.08 3.58 9.87
N GLY A 26 12.96 4.14 10.30
CA GLY A 26 12.56 5.48 9.87
C GLY A 26 13.58 6.53 10.25
N ARG A 27 14.14 6.41 11.44
CA ARG A 27 15.14 7.35 11.93
C ARG A 27 16.44 7.22 11.15
N GLN A 28 16.84 5.99 10.85
CA GLN A 28 18.04 5.73 10.06
C GLN A 28 17.92 6.34 8.67
N ILE A 29 16.81 6.07 8.01
CA ILE A 29 16.55 6.58 6.67
C ILE A 29 16.50 8.11 6.66
N THR A 30 15.83 8.68 7.67
CA THR A 30 15.75 10.12 7.80
C THR A 30 17.13 10.75 7.96
N GLU A 31 17.98 10.09 8.73
CA GLU A 31 19.32 10.59 9.03
C GLU A 31 20.21 10.66 7.79
N ARG A 32 19.97 9.76 6.84
N ARG A 32 19.96 9.78 6.84
CA ARG A 32 20.82 9.66 5.65
CA ARG A 32 20.82 9.68 5.66
C ARG A 32 20.39 10.61 4.53
C ARG A 32 20.40 10.62 4.54
N TYR A 33 19.09 10.88 4.44
CA TYR A 33 18.56 11.66 3.32
C TYR A 33 18.08 13.07 3.66
N LYS A 34 18.17 13.49 4.92
CA LYS A 34 17.61 14.78 5.30
C LYS A 34 18.47 15.96 4.81
N ASP A 35 19.74 15.69 4.56
CA ASP A 35 20.64 16.74 4.09
C ASP A 35 21.09 16.50 2.66
N SER A 36 20.15 16.09 1.81
CA SER A 36 20.47 15.76 0.43
C SER A 36 20.15 16.92 -0.52
N GLY A 37 18.94 17.46 -0.39
CA GLY A 37 18.50 18.56 -1.25
C GLY A 37 17.69 18.08 -2.43
N SER A 38 18.13 16.99 -3.04
CA SER A 38 17.41 16.40 -4.17
C SER A 38 16.10 15.77 -3.71
N ASP A 39 15.19 15.57 -4.66
CA ASP A 39 13.92 14.92 -4.37
C ASP A 39 14.12 13.46 -3.98
N MET A 40 13.22 12.95 -3.16
CA MET A 40 13.30 11.57 -2.69
C MET A 40 12.03 10.80 -3.05
N VAL A 41 12.17 9.50 -3.28
CA VAL A 41 11.02 8.66 -3.58
C VAL A 41 11.20 7.24 -3.04
N LEU A 42 10.16 6.73 -2.39
CA LEU A 42 10.16 5.34 -1.94
C LEU A 42 9.41 4.48 -2.96
N VAL A 43 10.10 3.48 -3.49
CA VAL A 43 9.50 2.59 -4.48
C VAL A 43 9.18 1.23 -3.90
N GLY A 44 7.89 0.89 -3.86
CA GLY A 44 7.45 -0.38 -3.31
C GLY A 44 7.24 -1.43 -4.38
N LEU A 45 7.61 -2.67 -4.06
CA LEU A 45 7.42 -3.78 -4.99
C LEU A 45 6.14 -4.53 -4.63
N LEU A 46 5.12 -4.35 -5.47
CA LEU A 46 3.81 -4.93 -5.23
C LEU A 46 3.79 -6.45 -5.40
N ARG A 47 2.95 -7.13 -4.62
CA ARG A 47 2.08 -6.49 -3.65
C ARG A 47 2.35 -7.00 -2.23
N GLY A 48 3.60 -7.35 -1.96
CA GLY A 48 3.98 -7.85 -0.65
C GLY A 48 4.47 -6.76 0.27
N SER A 49 4.76 -5.59 -0.29
CA SER A 49 5.38 -4.52 0.47
C SER A 49 4.45 -3.33 0.74
N PHE A 50 3.16 -3.49 0.48
CA PHE A 50 2.23 -2.37 0.60
C PHE A 50 2.04 -1.95 2.06
N MET A 51 1.97 -2.94 2.95
CA MET A 51 1.77 -2.66 4.37
C MET A 51 3.04 -2.11 4.99
N PHE A 52 4.18 -2.67 4.60
CA PHE A 52 5.48 -2.20 5.09
C PHE A 52 5.73 -0.77 4.61
N MET A 53 5.40 -0.50 3.35
CA MET A 53 5.55 0.84 2.79
C MET A 53 4.73 1.88 3.54
N ALA A 54 3.49 1.51 3.88
CA ALA A 54 2.58 2.41 4.56
C ALA A 54 3.12 2.84 5.92
N ASP A 55 3.59 1.87 6.70
CA ASP A 55 4.12 2.15 8.03
C ASP A 55 5.48 2.84 7.97
N LEU A 56 6.32 2.43 7.02
CA LEU A 56 7.67 2.95 6.92
C LEU A 56 7.71 4.42 6.51
N CYS A 57 6.97 4.77 5.45
CA CYS A 57 7.01 6.13 4.91
C CYS A 57 6.46 7.14 5.93
N ARG A 58 5.63 6.66 6.85
CA ARG A 58 5.10 7.51 7.90
C ARG A 58 6.16 7.80 8.96
N GLU A 59 7.16 6.93 9.05
CA GLU A 59 8.24 7.10 10.01
C GLU A 59 9.45 7.80 9.38
N VAL A 60 9.36 8.09 8.09
CA VAL A 60 10.40 8.84 7.40
C VAL A 60 10.07 10.33 7.45
N GLN A 61 10.87 11.08 8.19
CA GLN A 61 10.61 12.51 8.40
C GLN A 61 11.24 13.37 7.31
N VAL A 62 11.26 12.87 6.09
CA VAL A 62 11.78 13.62 4.95
C VAL A 62 10.73 13.66 3.84
N SER A 63 10.54 14.84 3.25
CA SER A 63 9.60 14.99 2.13
C SER A 63 9.98 14.07 0.98
N HIS A 64 9.10 13.14 0.66
CA HIS A 64 9.35 12.17 -0.40
C HIS A 64 8.09 11.77 -1.14
N GLU A 65 8.27 11.13 -2.28
CA GLU A 65 7.14 10.62 -3.07
C GLU A 65 7.00 9.12 -2.83
N VAL A 66 5.79 8.61 -3.05
CA VAL A 66 5.55 7.17 -2.92
C VAL A 66 5.08 6.58 -4.24
N ASP A 67 5.88 5.68 -4.80
CA ASP A 67 5.55 5.05 -6.06
C ASP A 67 5.62 3.53 -5.93
N PHE A 68 4.94 2.83 -6.83
CA PHE A 68 4.93 1.37 -6.80
C PHE A 68 5.21 0.79 -8.18
N MET A 69 5.78 -0.40 -8.22
CA MET A 69 5.92 -1.14 -9.46
C MET A 69 5.72 -2.63 -9.21
N THR A 70 5.33 -3.36 -10.25
CA THR A 70 5.11 -4.80 -10.13
C THR A 70 6.03 -5.57 -11.06
N ALA A 71 6.89 -6.41 -10.47
CA ALA A 71 7.84 -7.20 -11.24
C ALA A 71 7.26 -8.58 -11.55
N SER A 72 8.06 -9.40 -12.23
CA SER A 72 7.65 -10.75 -12.63
C SER A 72 7.29 -11.63 -11.42
N SER A 73 6.85 -12.86 -11.71
CA SER A 73 6.41 -13.78 -10.66
C SER A 73 7.52 -14.10 -9.67
N THR A 81 14.11 -20.52 -15.19
CA THR A 81 14.22 -19.47 -14.18
C THR A 81 13.49 -18.21 -14.63
N ARG A 82 13.38 -18.04 -15.96
CA ARG A 82 12.67 -16.93 -16.59
C ARG A 82 13.29 -15.56 -16.30
N ASP A 83 12.91 -14.57 -17.12
CA ASP A 83 13.44 -13.22 -16.98
C ASP A 83 12.53 -12.37 -16.10
N VAL A 84 13.10 -11.32 -15.51
CA VAL A 84 12.32 -10.37 -14.72
C VAL A 84 11.63 -9.36 -15.62
N LYS A 85 10.31 -9.48 -15.71
CA LYS A 85 9.51 -8.58 -16.53
C LYS A 85 8.74 -7.59 -15.66
N ILE A 86 8.42 -6.44 -16.24
CA ILE A 86 7.70 -5.39 -15.53
C ILE A 86 6.23 -5.38 -15.92
N LEU A 87 5.38 -5.89 -15.03
CA LEU A 87 3.95 -5.92 -15.26
C LEU A 87 3.36 -4.52 -15.14
N LYS A 88 3.87 -3.75 -14.18
CA LYS A 88 3.49 -2.36 -14.00
C LYS A 88 4.71 -1.53 -13.62
N ASP A 89 4.99 -0.49 -14.40
CA ASP A 89 6.14 0.36 -14.14
C ASP A 89 5.78 1.50 -13.19
N LEU A 90 6.76 2.30 -12.82
CA LEU A 90 6.53 3.45 -11.96
C LEU A 90 5.67 4.50 -12.66
N ASP A 91 4.88 5.22 -11.90
CA ASP A 91 4.05 6.28 -12.45
C ASP A 91 4.84 7.57 -12.65
N GLU A 92 5.85 7.78 -11.80
CA GLU A 92 6.65 9.00 -11.85
C GLU A 92 8.11 8.72 -12.19
N ASP A 93 8.85 9.77 -12.49
CA ASP A 93 10.25 9.67 -12.87
C ASP A 93 11.17 9.68 -11.65
N ILE A 94 12.35 9.08 -11.79
CA ILE A 94 13.29 9.00 -10.68
C ILE A 94 14.66 9.58 -11.02
N ARG A 95 14.78 10.17 -12.21
CA ARG A 95 16.06 10.71 -12.66
C ARG A 95 16.50 11.87 -11.77
N GLY A 96 17.71 11.74 -11.21
CA GLY A 96 18.27 12.77 -10.36
C GLY A 96 17.65 12.81 -8.97
N LYS A 97 16.98 11.73 -8.58
CA LYS A 97 16.33 11.65 -7.29
C LYS A 97 16.97 10.59 -6.39
N ASP A 98 16.70 10.69 -5.09
CA ASP A 98 17.13 9.67 -4.15
C ASP A 98 16.07 8.57 -4.07
N VAL A 99 16.41 7.38 -4.54
CA VAL A 99 15.45 6.29 -4.62
C VAL A 99 15.74 5.21 -3.58
N LEU A 100 14.71 4.87 -2.81
CA LEU A 100 14.81 3.80 -1.83
C LEU A 100 13.80 2.70 -2.14
N ILE A 101 14.29 1.57 -2.63
CA ILE A 101 13.43 0.45 -2.95
C ILE A 101 12.97 -0.25 -1.67
N VAL A 102 11.66 -0.43 -1.55
CA VAL A 102 11.08 -1.01 -0.34
C VAL A 102 10.48 -2.39 -0.63
N GLU A 103 11.08 -3.42 -0.07
CA GLU A 103 10.66 -4.80 -0.29
C GLU A 103 10.27 -5.45 1.04
N ASP A 104 9.37 -6.43 0.97
CA ASP A 104 8.94 -7.14 2.17
C ASP A 104 10.00 -8.12 2.66
N ILE A 105 10.60 -8.86 1.75
CA ILE A 105 11.55 -9.91 2.11
C ILE A 105 12.49 -10.23 0.94
N ILE A 106 13.76 -10.45 1.25
N ILE A 106 13.77 -10.42 1.27
CA ILE A 106 14.75 -10.83 0.24
CA ILE A 106 14.76 -10.85 0.28
C ILE A 106 15.39 -12.18 0.56
C ILE A 106 15.24 -12.25 0.61
N ASP A 107 15.39 -13.07 -0.43
CA ASP A 107 16.04 -14.36 -0.27
C ASP A 107 17.19 -14.46 -1.29
N SER A 108 16.98 -15.20 -2.37
CA SER A 108 17.97 -15.35 -3.45
C SER A 108 18.50 -14.00 -3.93
N GLY A 109 17.63 -13.00 -3.93
CA GLY A 109 18.02 -11.66 -4.32
C GLY A 109 18.03 -11.46 -5.82
N ASN A 110 17.38 -12.37 -6.54
CA ASN A 110 17.31 -12.29 -7.99
C ASN A 110 16.51 -11.08 -8.47
N THR A 111 15.29 -10.94 -7.94
CA THR A 111 14.38 -9.89 -8.37
C THR A 111 14.91 -8.49 -8.12
N LEU A 112 15.33 -8.22 -6.89
CA LEU A 112 15.86 -6.90 -6.53
C LEU A 112 17.11 -6.56 -7.34
N SER A 113 17.91 -7.57 -7.64
CA SER A 113 19.12 -7.37 -8.43
C SER A 113 18.76 -6.82 -9.81
N LYS A 114 17.78 -7.46 -10.45
CA LYS A 114 17.32 -7.02 -11.76
C LYS A 114 16.57 -5.70 -11.68
N VAL A 115 15.71 -5.55 -10.67
CA VAL A 115 14.95 -4.32 -10.50
C VAL A 115 15.88 -3.13 -10.28
N ARG A 116 16.92 -3.32 -9.48
CA ARG A 116 17.88 -2.26 -9.22
C ARG A 116 18.62 -1.87 -10.50
N GLU A 117 18.97 -2.87 -11.31
CA GLU A 117 19.63 -2.61 -12.59
C GLU A 117 18.74 -1.79 -13.52
N ILE A 118 17.48 -2.18 -13.63
CA ILE A 118 16.50 -1.48 -14.46
C ILE A 118 16.33 -0.04 -14.03
N LEU A 119 16.23 0.17 -12.72
CA LEU A 119 16.04 1.51 -12.17
C LEU A 119 17.31 2.36 -12.28
N SER A 120 18.46 1.70 -12.24
CA SER A 120 19.73 2.40 -12.33
C SER A 120 19.92 3.04 -13.70
N LEU A 121 19.32 2.43 -14.72
CA LEU A 121 19.42 2.94 -16.09
C LEU A 121 18.78 4.31 -16.24
N ARG A 122 17.86 4.64 -15.34
CA ARG A 122 17.17 5.92 -15.38
C ARG A 122 17.98 7.00 -14.64
N GLU A 123 19.17 6.59 -14.19
CA GLU A 123 20.14 7.49 -13.56
C GLU A 123 19.58 8.35 -12.44
N PRO A 124 19.27 7.72 -11.29
CA PRO A 124 18.91 8.51 -10.10
C PRO A 124 20.16 9.00 -9.39
N LYS A 125 20.02 9.97 -8.49
CA LYS A 125 21.16 10.47 -7.71
C LYS A 125 21.75 9.35 -6.86
N SER A 126 20.89 8.69 -6.10
CA SER A 126 21.29 7.55 -5.30
C SER A 126 20.27 6.42 -5.43
N LEU A 127 20.68 5.20 -5.09
CA LEU A 127 19.80 4.05 -5.21
C LEU A 127 20.06 3.07 -4.07
N ALA A 128 19.08 2.93 -3.18
CA ALA A 128 19.22 2.11 -2.00
C ALA A 128 18.05 1.13 -1.85
N ILE A 129 18.24 0.10 -1.02
CA ILE A 129 17.21 -0.90 -0.80
C ILE A 129 16.90 -1.05 0.69
N CYS A 130 15.61 -1.04 1.02
CA CYS A 130 15.19 -1.29 2.40
C CYS A 130 14.23 -2.49 2.44
N THR A 131 14.58 -3.49 3.23
CA THR A 131 13.76 -4.69 3.34
C THR A 131 13.34 -4.94 4.79
N LEU A 132 12.14 -5.51 4.95
CA LEU A 132 11.63 -5.82 6.27
C LEU A 132 12.28 -7.09 6.80
N LEU A 133 12.34 -8.11 5.95
CA LEU A 133 12.94 -9.38 6.32
C LEU A 133 14.09 -9.73 5.39
N ASP A 134 15.08 -10.44 5.94
CA ASP A 134 16.21 -10.88 5.15
C ASP A 134 16.54 -12.33 5.46
N LYS A 135 16.70 -13.13 4.40
CA LYS A 135 17.14 -14.51 4.53
C LYS A 135 18.51 -14.67 3.89
N PRO A 136 19.58 -14.52 4.69
CA PRO A 136 20.96 -14.64 4.19
C PRO A 136 21.27 -16.05 3.67
N SER A 137 20.63 -17.06 4.25
CA SER A 137 20.86 -18.45 3.87
C SER A 137 20.61 -18.67 2.38
N ARG A 138 19.40 -18.37 1.93
CA ARG A 138 19.08 -18.42 0.52
C ARG A 138 19.58 -17.15 -0.14
N ARG A 139 20.55 -17.29 -1.04
CA ARG A 139 21.16 -16.14 -1.70
C ARG A 139 21.98 -16.59 -2.90
N GLU A 140 21.53 -16.24 -4.10
CA GLU A 140 22.20 -16.65 -5.32
C GLU A 140 22.86 -15.46 -6.03
N VAL A 141 22.38 -14.26 -5.73
CA VAL A 141 22.95 -13.05 -6.29
C VAL A 141 23.20 -12.00 -5.20
N ASN A 142 24.45 -11.66 -4.98
CA ASN A 142 24.80 -10.68 -3.97
C ASN A 142 24.35 -9.28 -4.39
N VAL A 143 23.32 -8.77 -3.73
CA VAL A 143 22.82 -7.43 -3.98
C VAL A 143 22.91 -6.60 -2.69
N PRO A 144 23.49 -5.39 -2.80
CA PRO A 144 23.69 -4.52 -1.62
C PRO A 144 22.37 -4.08 -0.99
N VAL A 145 22.23 -4.34 0.31
CA VAL A 145 21.04 -3.91 1.06
C VAL A 145 21.47 -3.07 2.26
N GLU A 146 20.99 -1.83 2.31
N GLU A 146 21.04 -1.81 2.27
CA GLU A 146 21.43 -0.88 3.32
CA GLU A 146 21.39 -0.87 3.32
C GLU A 146 20.59 -0.91 4.60
C GLU A 146 20.60 -1.10 4.60
N PHE A 147 19.28 -1.11 4.46
CA PHE A 147 18.39 -1.15 5.62
C PHE A 147 17.64 -2.47 5.72
N ILE A 148 17.87 -3.18 6.82
CA ILE A 148 17.18 -4.44 7.08
C ILE A 148 16.44 -4.40 8.41
N GLY A 149 15.18 -4.81 8.40
CA GLY A 149 14.38 -4.82 9.61
C GLY A 149 14.71 -6.02 10.49
N PHE A 150 14.69 -7.21 9.91
CA PHE A 150 14.97 -8.44 10.64
C PHE A 150 15.73 -9.45 9.79
N SER A 151 16.76 -10.06 10.37
CA SER A 151 17.42 -11.21 9.74
C SER A 151 16.89 -12.49 10.36
N ILE A 152 16.32 -13.35 9.53
CA ILE A 152 15.71 -14.58 10.02
C ILE A 152 16.30 -15.80 9.33
N PRO A 153 16.25 -16.96 10.00
CA PRO A 153 16.64 -18.21 9.32
C PRO A 153 15.61 -18.59 8.26
N ASP A 154 15.93 -19.57 7.43
CA ASP A 154 15.05 -19.97 6.35
C ASP A 154 13.76 -20.60 6.88
N GLU A 155 12.88 -19.74 7.41
CA GLU A 155 11.61 -20.20 7.97
C GLU A 155 10.44 -19.85 7.06
N PHE A 156 9.36 -20.61 7.17
CA PHE A 156 8.15 -20.36 6.40
C PHE A 156 7.32 -19.28 7.08
N VAL A 157 7.54 -18.03 6.69
CA VAL A 157 6.86 -16.91 7.34
C VAL A 157 5.75 -16.31 6.49
N VAL A 158 4.72 -15.81 7.16
CA VAL A 158 3.61 -15.12 6.51
C VAL A 158 3.21 -13.89 7.30
N GLY A 159 2.26 -13.13 6.77
CA GLY A 159 1.76 -11.95 7.45
C GLY A 159 2.47 -10.69 7.02
N TYR A 160 1.87 -9.55 7.36
CA TYR A 160 2.43 -8.24 7.06
C TYR A 160 2.75 -8.06 5.58
N GLY A 161 1.82 -8.50 4.72
CA GLY A 161 2.00 -8.37 3.28
C GLY A 161 2.48 -9.66 2.64
N ILE A 162 3.11 -10.52 3.44
CA ILE A 162 3.62 -11.79 2.96
C ILE A 162 2.53 -12.86 2.99
N ASP A 163 2.38 -13.58 1.88
CA ASP A 163 1.26 -14.50 1.72
C ASP A 163 1.65 -15.97 1.67
N TYR A 164 0.64 -16.82 1.82
CA TYR A 164 0.76 -18.25 1.55
C TYR A 164 -0.49 -18.69 0.80
N ALA A 165 -0.34 -18.91 -0.51
CA ALA A 165 -1.47 -19.17 -1.40
C ALA A 165 -2.50 -18.05 -1.30
N GLN A 166 -2.01 -16.82 -1.45
CA GLN A 166 -2.85 -15.62 -1.39
C GLN A 166 -3.63 -15.52 -0.08
N ARG A 167 -2.97 -15.85 1.03
CA ARG A 167 -3.61 -15.82 2.34
C ARG A 167 -2.68 -15.20 3.39
N TYR A 168 -3.28 -14.65 4.44
CA TYR A 168 -2.57 -14.09 5.60
C TYR A 168 -1.85 -12.77 5.32
N ARG A 169 -2.10 -12.18 4.15
CA ARG A 169 -1.48 -10.90 3.80
C ARG A 169 -1.85 -9.79 4.77
N HIS A 170 -3.00 -9.93 5.41
CA HIS A 170 -3.57 -8.86 6.24
C HIS A 170 -3.20 -8.96 7.71
N LEU A 171 -2.42 -9.96 8.08
CA LEU A 171 -2.01 -10.13 9.47
C LEU A 171 -1.09 -8.98 9.91
N PRO A 172 -1.35 -8.43 11.11
CA PRO A 172 -0.57 -7.32 11.65
C PRO A 172 0.80 -7.76 12.18
N TYR A 173 1.00 -9.08 12.25
CA TYR A 173 2.24 -9.64 12.75
C TYR A 173 2.90 -10.57 11.74
N ILE A 174 4.19 -10.82 11.91
CA ILE A 174 4.87 -11.84 11.13
C ILE A 174 4.70 -13.18 11.82
N GLY A 175 4.09 -14.13 11.14
CA GLY A 175 3.83 -15.43 11.72
C GLY A 175 4.54 -16.57 11.01
N LYS A 176 4.63 -17.72 11.66
CA LYS A 176 5.24 -18.90 11.07
C LYS A 176 4.19 -19.96 10.75
N VAL A 177 4.30 -20.56 9.57
CA VAL A 177 3.38 -21.60 9.16
C VAL A 177 3.88 -22.98 9.57
N ILE A 178 3.06 -23.71 10.30
CA ILE A 178 3.42 -25.05 10.76
C ILE A 178 2.66 -26.12 9.98
N LEU A 179 3.38 -26.84 9.12
CA LEU A 179 2.76 -27.87 8.29
C LEU A 179 2.41 -29.12 9.10
N LEU A 180 1.11 -29.39 9.24
CA LEU A 180 0.63 -30.54 9.98
C LEU A 180 0.69 -31.81 9.14
N ASP B 4 3.28 24.78 -9.17
CA ASP B 4 2.50 24.76 -7.94
C ASP B 4 2.69 26.04 -7.14
N MET B 5 1.64 26.43 -6.41
CA MET B 5 1.62 27.73 -5.74
C MET B 5 2.03 27.62 -4.27
N LYS B 6 2.35 28.77 -3.67
CA LYS B 6 2.69 28.82 -2.25
C LYS B 6 1.47 28.47 -1.41
N HIS B 7 1.65 27.58 -0.43
CA HIS B 7 0.53 27.09 0.35
C HIS B 7 0.93 26.67 1.77
N THR B 8 -0.05 26.21 2.52
CA THR B 8 0.16 25.73 3.89
C THR B 8 -0.76 24.54 4.15
N VAL B 9 -0.28 23.56 4.91
CA VAL B 9 -1.10 22.39 5.23
C VAL B 9 -1.57 22.44 6.68
N GLU B 10 -2.89 22.55 6.87
CA GLU B 10 -3.47 22.52 8.20
C GLU B 10 -4.24 21.22 8.42
N VAL B 11 -4.13 20.68 9.63
CA VAL B 11 -4.78 19.42 9.97
C VAL B 11 -6.30 19.51 9.88
N MET B 12 -6.91 18.56 9.19
CA MET B 12 -8.36 18.47 9.14
C MET B 12 -8.84 17.27 9.94
N ILE B 13 -8.17 16.14 9.75
CA ILE B 13 -8.46 14.92 10.52
C ILE B 13 -7.17 14.35 11.10
N PRO B 14 -6.96 14.54 12.41
CA PRO B 14 -5.78 14.06 13.13
C PRO B 14 -5.57 12.55 13.01
N GLU B 15 -4.33 12.11 13.22
CA GLU B 15 -3.96 10.70 13.13
C GLU B 15 -4.79 9.80 14.03
N ALA B 16 -5.05 10.28 15.25
CA ALA B 16 -5.81 9.52 16.24
C ALA B 16 -7.26 9.33 15.80
N GLU B 17 -7.82 10.34 15.15
CA GLU B 17 -9.21 10.28 14.69
C GLU B 17 -9.35 9.27 13.56
N ILE B 18 -8.32 9.18 12.72
CA ILE B 18 -8.32 8.23 11.61
C ILE B 18 -8.22 6.79 12.11
N LYS B 19 -7.30 6.56 13.04
CA LYS B 19 -7.09 5.22 13.60
C LYS B 19 -8.35 4.68 14.25
N ALA B 20 -9.05 5.55 14.99
CA ALA B 20 -10.28 5.16 15.67
C ALA B 20 -11.39 4.85 14.67
N ARG B 21 -11.47 5.66 13.62
CA ARG B 21 -12.51 5.50 12.61
C ARG B 21 -12.31 4.25 11.76
N ILE B 22 -11.05 3.94 11.46
CA ILE B 22 -10.73 2.74 10.69
C ILE B 22 -11.00 1.49 11.54
N ALA B 23 -10.76 1.60 12.83
CA ALA B 23 -11.07 0.52 13.76
C ALA B 23 -12.57 0.22 13.73
N GLU B 24 -13.38 1.26 13.71
CA GLU B 24 -14.82 1.13 13.64
C GLU B 24 -15.25 0.51 12.31
N LEU B 25 -14.72 1.05 11.22
CA LEU B 25 -14.96 0.52 9.88
C LEU B 25 -14.64 -0.96 9.82
N GLY B 26 -13.55 -1.36 10.46
CA GLY B 26 -13.14 -2.74 10.50
C GLY B 26 -14.18 -3.66 11.12
N ARG B 27 -14.79 -3.21 12.21
CA ARG B 27 -15.79 -4.01 12.90
C ARG B 27 -17.05 -4.18 12.06
N GLN B 28 -17.40 -3.13 11.31
CA GLN B 28 -18.58 -3.18 10.45
C GLN B 28 -18.38 -4.12 9.27
N ILE B 29 -17.21 -4.02 8.64
CA ILE B 29 -16.86 -4.90 7.51
C ILE B 29 -16.78 -6.35 7.96
N THR B 30 -16.21 -6.56 9.15
CA THR B 30 -16.08 -7.91 9.72
C THR B 30 -17.45 -8.55 9.94
N GLU B 31 -18.38 -7.78 10.50
CA GLU B 31 -19.71 -8.27 10.81
C GLU B 31 -20.54 -8.58 9.56
N ARG B 32 -20.17 -7.97 8.45
CA ARG B 32 -20.92 -8.14 7.21
CA ARG B 32 -20.90 -8.13 7.20
C ARG B 32 -20.53 -9.44 6.48
N TYR B 33 -19.25 -9.73 6.43
CA TYR B 33 -18.75 -10.86 5.65
C TYR B 33 -18.27 -12.06 6.47
N LYS B 34 -18.59 -12.09 7.76
CA LYS B 34 -18.09 -13.16 8.63
C LYS B 34 -18.81 -14.49 8.38
N ASP B 35 -20.08 -14.42 7.98
CA ASP B 35 -20.88 -15.61 7.80
C ASP B 35 -21.09 -15.93 6.32
N SER B 36 -20.28 -15.32 5.48
CA SER B 36 -20.40 -15.50 4.03
C SER B 36 -19.92 -16.88 3.60
N GLY B 37 -18.74 -17.27 4.08
CA GLY B 37 -18.17 -18.54 3.72
C GLY B 37 -17.33 -18.48 2.45
N SER B 38 -17.84 -17.76 1.46
CA SER B 38 -17.12 -17.56 0.21
C SER B 38 -15.87 -16.72 0.43
N ASP B 39 -14.88 -16.88 -0.44
CA ASP B 39 -13.63 -16.14 -0.34
C ASP B 39 -13.87 -14.63 -0.44
N MET B 40 -13.04 -13.86 0.26
CA MET B 40 -13.15 -12.42 0.26
C MET B 40 -11.86 -11.77 -0.24
N VAL B 41 -11.99 -10.64 -0.92
CA VAL B 41 -10.83 -9.92 -1.42
C VAL B 41 -11.03 -8.42 -1.35
N LEU B 42 -10.06 -7.71 -0.76
CA LEU B 42 -10.07 -6.25 -0.76
C LEU B 42 -9.29 -5.73 -1.95
N VAL B 43 -9.95 -4.93 -2.78
CA VAL B 43 -9.30 -4.38 -3.97
C VAL B 43 -9.02 -2.89 -3.78
N GLY B 44 -7.75 -2.53 -3.75
CA GLY B 44 -7.35 -1.14 -3.58
C GLY B 44 -7.03 -0.49 -4.91
N LEU B 45 -7.34 0.79 -5.02
CA LEU B 45 -7.07 1.53 -6.23
C LEU B 45 -5.84 2.42 -6.06
N LEU B 46 -4.73 1.99 -6.66
CA LEU B 46 -3.47 2.70 -6.57
C LEU B 46 -3.54 4.08 -7.24
N ARG B 47 -2.78 5.06 -6.74
CA ARG B 47 -1.85 4.86 -5.62
C ARG B 47 -2.43 5.29 -4.27
N GLY B 48 -3.34 6.25 -4.30
CA GLY B 48 -3.81 6.92 -3.11
C GLY B 48 -4.37 6.07 -1.98
N SER B 49 -4.66 4.81 -2.25
CA SER B 49 -5.33 3.97 -1.28
C SER B 49 -4.42 2.96 -0.57
N PHE B 50 -3.11 3.05 -0.80
CA PHE B 50 -2.20 2.05 -0.27
C PHE B 50 -2.12 2.10 1.26
N MET B 51 -2.10 3.30 1.82
CA MET B 51 -2.01 3.47 3.26
C MET B 51 -3.32 3.06 3.94
N PHE B 52 -4.43 3.51 3.37
CA PHE B 52 -5.75 3.17 3.90
C PHE B 52 -5.98 1.66 3.89
N MET B 53 -5.54 1.02 2.80
CA MET B 53 -5.67 -0.42 2.67
C MET B 53 -4.89 -1.17 3.75
N ALA B 54 -3.65 -0.74 3.98
CA ALA B 54 -2.77 -1.37 4.94
C ALA B 54 -3.37 -1.38 6.33
N ASP B 55 -3.94 -0.25 6.74
CA ASP B 55 -4.54 -0.13 8.06
C ASP B 55 -5.91 -0.79 8.15
N LEU B 56 -6.66 -0.76 7.06
CA LEU B 56 -8.03 -1.29 7.07
C LEU B 56 -8.05 -2.82 7.12
N CYS B 57 -7.22 -3.46 6.30
CA CYS B 57 -7.22 -4.92 6.23
C CYS B 57 -6.74 -5.55 7.54
N ARG B 58 -5.96 -4.78 8.30
CA ARG B 58 -5.50 -5.24 9.62
C ARG B 58 -6.63 -5.18 10.64
N GLU B 59 -7.67 -4.43 10.33
CA GLU B 59 -8.82 -4.29 11.23
C GLU B 59 -9.98 -5.19 10.78
N VAL B 60 -9.86 -5.76 9.58
CA VAL B 60 -10.87 -6.69 9.08
C VAL B 60 -10.59 -8.10 9.58
N GLN B 61 -11.39 -8.55 10.54
CA GLN B 61 -11.12 -9.81 11.23
C GLN B 61 -11.73 -11.03 10.53
N VAL B 62 -11.65 -11.06 9.20
CA VAL B 62 -12.04 -12.24 8.45
C VAL B 62 -10.95 -12.59 7.43
N SER B 63 -10.84 -13.88 7.10
CA SER B 63 -9.82 -14.33 6.17
C SER B 63 -10.11 -13.82 4.76
N HIS B 64 -9.27 -12.92 4.27
CA HIS B 64 -9.47 -12.33 2.96
C HIS B 64 -8.16 -12.19 2.19
N GLU B 65 -8.27 -11.75 0.94
CA GLU B 65 -7.11 -11.52 0.09
C GLU B 65 -6.95 -10.02 -0.17
N VAL B 66 -5.73 -9.60 -0.46
CA VAL B 66 -5.48 -8.20 -0.78
C VAL B 66 -4.92 -8.06 -2.19
N ASP B 67 -5.61 -7.30 -3.03
CA ASP B 67 -5.18 -7.09 -4.40
C ASP B 67 -5.26 -5.61 -4.74
N PHE B 68 -4.60 -5.21 -5.82
CA PHE B 68 -4.59 -3.81 -6.24
C PHE B 68 -4.82 -3.68 -7.74
N MET B 69 -5.30 -2.51 -8.15
CA MET B 69 -5.41 -2.20 -9.57
C MET B 69 -5.24 -0.70 -9.77
N THR B 70 -4.80 -0.32 -10.97
CA THR B 70 -4.59 1.08 -11.28
C THR B 70 -5.45 1.50 -12.47
N ALA B 71 -6.28 2.51 -12.27
CA ALA B 71 -7.17 3.02 -13.32
C ALA B 71 -6.78 4.44 -13.70
N SER B 72 -7.19 4.86 -14.89
CA SER B 72 -6.88 6.19 -15.39
C SER B 72 -7.93 7.20 -14.97
N SER B 73 -8.32 8.07 -15.89
CA SER B 73 -9.30 9.13 -15.61
C SER B 73 -10.71 8.65 -15.94
N THR B 81 -13.26 14.94 -20.02
CA THR B 81 -13.98 13.68 -19.90
C THR B 81 -13.30 12.57 -20.72
N ARG B 82 -12.46 11.78 -20.06
CA ARG B 82 -11.72 10.68 -20.70
C ARG B 82 -12.27 9.32 -20.26
N ASP B 83 -11.91 8.27 -20.99
CA ASP B 83 -12.38 6.91 -20.69
C ASP B 83 -11.60 6.27 -19.55
N VAL B 84 -12.26 5.53 -18.68
CA VAL B 84 -11.52 4.90 -17.59
C VAL B 84 -10.78 3.67 -18.11
N LYS B 85 -9.45 3.79 -18.27
CA LYS B 85 -8.64 2.68 -18.76
C LYS B 85 -7.88 1.97 -17.65
N ILE B 86 -7.63 0.68 -17.85
CA ILE B 86 -6.94 -0.13 -16.85
C ILE B 86 -5.44 -0.18 -17.12
N LEU B 87 -4.68 0.59 -16.33
CA LEU B 87 -3.24 0.62 -16.47
C LEU B 87 -2.61 -0.61 -15.83
N LYS B 88 -3.23 -1.08 -14.75
CA LYS B 88 -2.80 -2.31 -14.08
C LYS B 88 -4.02 -3.04 -13.55
N ASP B 89 -4.24 -4.25 -14.07
CA ASP B 89 -5.40 -5.04 -13.67
C ASP B 89 -5.10 -5.82 -12.39
N LEU B 90 -6.10 -6.54 -11.89
CA LEU B 90 -5.92 -7.37 -10.71
C LEU B 90 -5.00 -8.55 -11.00
N ASP B 91 -4.40 -9.10 -9.95
CA ASP B 91 -3.56 -10.28 -10.09
C ASP B 91 -4.38 -11.56 -9.96
N GLU B 92 -5.46 -11.49 -9.20
CA GLU B 92 -6.28 -12.66 -8.92
C GLU B 92 -7.70 -12.55 -9.48
N ASP B 93 -8.40 -13.68 -9.51
CA ASP B 93 -9.78 -13.72 -9.97
C ASP B 93 -10.73 -13.31 -8.83
N ILE B 94 -11.82 -12.65 -9.20
CA ILE B 94 -12.80 -12.23 -8.20
C ILE B 94 -14.15 -12.93 -8.39
N ARG B 95 -14.20 -13.85 -9.35
CA ARG B 95 -15.43 -14.57 -9.64
C ARG B 95 -15.87 -15.40 -8.45
N GLY B 96 -17.13 -15.23 -8.03
CA GLY B 96 -17.68 -15.97 -6.91
C GLY B 96 -17.07 -15.58 -5.58
N LYS B 97 -16.56 -14.35 -5.50
CA LYS B 97 -15.92 -13.87 -4.28
C LYS B 97 -16.56 -12.57 -3.80
N ASP B 98 -16.52 -12.36 -2.48
CA ASP B 98 -16.94 -11.08 -1.93
C ASP B 98 -15.85 -10.06 -2.17
N VAL B 99 -16.16 -9.05 -2.98
CA VAL B 99 -15.17 -8.04 -3.33
C VAL B 99 -15.49 -6.70 -2.69
N LEU B 100 -14.50 -6.15 -1.98
CA LEU B 100 -14.66 -4.83 -1.39
C LEU B 100 -13.62 -3.87 -1.95
N ILE B 101 -14.07 -2.96 -2.80
CA ILE B 101 -13.20 -1.95 -3.38
C ILE B 101 -12.80 -0.93 -2.32
N VAL B 102 -11.50 -0.65 -2.23
CA VAL B 102 -10.99 0.27 -1.22
C VAL B 102 -10.40 1.53 -1.86
N GLU B 103 -11.09 2.65 -1.65
CA GLU B 103 -10.67 3.92 -2.24
C GLU B 103 -10.33 4.94 -1.15
N ASP B 104 -9.45 5.87 -1.48
CA ASP B 104 -9.04 6.89 -0.52
C ASP B 104 -10.07 8.02 -0.40
N ILE B 105 -10.63 8.43 -1.53
CA ILE B 105 -11.54 9.59 -1.53
C ILE B 105 -12.48 9.61 -2.73
N ILE B 106 -13.74 9.99 -2.48
CA ILE B 106 -14.72 10.14 -3.55
C ILE B 106 -15.19 11.59 -3.65
N ASP B 107 -15.03 12.19 -4.82
CA ASP B 107 -15.66 13.48 -5.08
C ASP B 107 -16.66 13.35 -6.22
N SER B 108 -16.17 13.32 -7.45
CA SER B 108 -17.03 13.19 -8.62
C SER B 108 -17.75 11.84 -8.63
N GLY B 109 -16.99 10.77 -8.49
CA GLY B 109 -17.55 9.44 -8.50
C GLY B 109 -17.56 8.82 -9.88
N ASN B 110 -17.02 9.55 -10.86
CA ASN B 110 -16.93 9.06 -12.23
C ASN B 110 -16.06 7.83 -12.33
N THR B 111 -14.84 7.94 -11.83
CA THR B 111 -13.85 6.87 -11.92
C THR B 111 -14.32 5.59 -11.22
N LEU B 112 -14.76 5.73 -9.98
CA LEU B 112 -15.17 4.58 -9.18
C LEU B 112 -16.40 3.90 -9.76
N SER B 113 -17.29 4.69 -10.35
CA SER B 113 -18.47 4.15 -11.01
C SER B 113 -18.09 3.20 -12.12
N LYS B 114 -17.12 3.61 -12.94
CA LYS B 114 -16.64 2.79 -14.04
C LYS B 114 -15.89 1.55 -13.56
N VAL B 115 -15.07 1.72 -12.53
CA VAL B 115 -14.30 0.60 -11.98
C VAL B 115 -15.22 -0.49 -11.43
N ARG B 116 -16.32 -0.07 -10.80
CA ARG B 116 -17.29 -1.02 -10.28
C ARG B 116 -17.96 -1.78 -11.42
N GLU B 117 -18.21 -1.09 -12.53
CA GLU B 117 -18.84 -1.69 -13.69
C GLU B 117 -17.96 -2.76 -14.31
N ILE B 118 -16.66 -2.48 -14.40
CA ILE B 118 -15.70 -3.42 -14.97
C ILE B 118 -15.60 -4.68 -14.12
N LEU B 119 -15.52 -4.50 -12.81
CA LEU B 119 -15.38 -5.63 -11.88
C LEU B 119 -16.67 -6.46 -11.82
N SER B 120 -17.80 -5.81 -12.06
CA SER B 120 -19.09 -6.48 -12.02
C SER B 120 -19.22 -7.47 -13.18
N LEU B 121 -18.53 -7.17 -14.28
CA LEU B 121 -18.54 -8.04 -15.46
C LEU B 121 -17.94 -9.41 -15.17
N ARG B 122 -17.07 -9.46 -14.17
CA ARG B 122 -16.39 -10.69 -13.81
C ARG B 122 -17.23 -11.52 -12.85
N GLU B 123 -18.43 -11.03 -12.58
CA GLU B 123 -19.43 -11.71 -11.76
C GLU B 123 -18.91 -12.21 -10.41
N PRO B 124 -18.62 -11.27 -9.49
CA PRO B 124 -18.29 -11.69 -8.13
C PRO B 124 -19.56 -12.06 -7.37
N LYS B 125 -19.45 -12.76 -6.25
CA LYS B 125 -20.60 -13.08 -5.42
C LYS B 125 -21.29 -11.81 -4.97
N SER B 126 -20.50 -10.89 -4.42
CA SER B 126 -20.99 -9.59 -4.01
C SER B 126 -19.96 -8.52 -4.32
N LEU B 127 -20.42 -7.27 -4.44
CA LEU B 127 -19.52 -6.17 -4.76
C LEU B 127 -19.90 -4.93 -3.96
N ALA B 128 -18.93 -4.37 -3.26
CA ALA B 128 -19.17 -3.21 -2.40
C ALA B 128 -17.98 -2.26 -2.40
N ILE B 129 -18.21 -1.06 -1.88
CA ILE B 129 -17.18 -0.03 -1.87
C ILE B 129 -16.94 0.53 -0.47
N CYS B 130 -15.67 0.65 -0.10
CA CYS B 130 -15.30 1.32 1.14
C CYS B 130 -14.33 2.46 0.86
N THR B 131 -14.76 3.68 1.17
CA THR B 131 -13.90 4.84 0.98
C THR B 131 -13.59 5.50 2.32
N LEU B 132 -12.40 6.08 2.42
CA LEU B 132 -11.99 6.77 3.63
C LEU B 132 -12.64 8.14 3.70
N LEU B 133 -12.43 8.94 2.67
CA LEU B 133 -13.01 10.28 2.61
C LEU B 133 -14.13 10.37 1.59
N ASP B 134 -14.99 11.36 1.77
CA ASP B 134 -16.13 11.55 0.88
C ASP B 134 -16.48 13.04 0.75
N LYS B 135 -16.51 13.52 -0.49
CA LYS B 135 -16.92 14.89 -0.76
C LYS B 135 -18.20 14.90 -1.59
N PRO B 136 -19.35 14.73 -0.93
CA PRO B 136 -20.65 14.59 -1.61
C PRO B 136 -21.07 15.86 -2.35
N SER B 137 -20.43 16.98 -2.05
CA SER B 137 -20.73 18.24 -2.71
C SER B 137 -20.07 18.34 -4.07
N ARG B 138 -19.41 17.26 -4.48
CA ARG B 138 -18.71 17.20 -5.76
CA ARG B 138 -18.72 17.20 -5.76
C ARG B 138 -19.23 16.05 -6.61
N ARG B 139 -20.19 15.30 -6.08
CA ARG B 139 -20.74 14.13 -6.76
C ARG B 139 -21.44 14.51 -8.06
N GLU B 140 -21.04 13.85 -9.14
CA GLU B 140 -21.64 14.07 -10.45
C GLU B 140 -22.43 12.85 -10.90
N VAL B 141 -22.05 11.69 -10.38
CA VAL B 141 -22.70 10.43 -10.70
C VAL B 141 -23.08 9.68 -9.43
N ASN B 142 -24.35 9.28 -9.34
CA ASN B 142 -24.83 8.54 -8.19
C ASN B 142 -24.24 7.12 -8.14
N VAL B 143 -23.27 6.93 -7.25
CA VAL B 143 -22.67 5.62 -7.04
C VAL B 143 -22.83 5.18 -5.60
N PRO B 144 -23.38 3.97 -5.39
CA PRO B 144 -23.64 3.45 -4.05
C PRO B 144 -22.38 3.10 -3.27
N VAL B 145 -22.12 3.87 -2.21
CA VAL B 145 -21.01 3.57 -1.30
C VAL B 145 -21.58 3.09 0.03
N GLU B 146 -21.09 1.96 0.52
CA GLU B 146 -21.66 1.35 1.71
CA GLU B 146 -21.66 1.35 1.71
C GLU B 146 -20.86 1.69 2.98
N PHE B 147 -19.55 1.82 2.84
CA PHE B 147 -18.69 2.14 3.98
C PHE B 147 -17.95 3.46 3.75
N ILE B 148 -18.19 4.43 4.61
CA ILE B 148 -17.54 5.73 4.50
C ILE B 148 -16.91 6.13 5.83
N GLY B 149 -15.61 6.44 5.79
CA GLY B 149 -14.90 6.86 6.98
C GLY B 149 -15.33 8.25 7.42
N PHE B 150 -15.09 9.23 6.56
CA PHE B 150 -15.47 10.61 6.84
C PHE B 150 -16.11 11.28 5.64
N SER B 151 -17.25 11.93 5.86
CA SER B 151 -17.83 12.82 4.86
C SER B 151 -17.32 14.22 5.15
N ILE B 152 -16.59 14.79 4.19
CA ILE B 152 -15.84 16.02 4.44
C ILE B 152 -16.33 17.17 3.55
N PRO B 153 -16.08 18.42 3.99
CA PRO B 153 -16.46 19.58 3.17
C PRO B 153 -15.62 19.72 1.91
N ASP B 154 -16.04 20.61 1.01
CA ASP B 154 -15.35 20.78 -0.27
C ASP B 154 -14.02 21.52 -0.11
N GLU B 155 -13.00 20.80 0.34
CA GLU B 155 -11.67 21.35 0.48
C GLU B 155 -10.63 20.37 -0.04
N PHE B 156 -9.56 20.89 -0.64
CA PHE B 156 -8.52 20.03 -1.19
C PHE B 156 -7.70 19.41 -0.06
N VAL B 157 -7.88 18.11 0.15
CA VAL B 157 -7.21 17.42 1.24
C VAL B 157 -5.97 16.68 0.78
N VAL B 158 -5.00 16.54 1.69
CA VAL B 158 -3.78 15.81 1.42
C VAL B 158 -3.43 14.91 2.59
N GLY B 159 -2.47 14.02 2.38
CA GLY B 159 -2.04 13.12 3.44
C GLY B 159 -2.69 11.76 3.35
N TYR B 160 -2.14 10.81 4.09
CA TYR B 160 -2.68 9.45 4.18
C TYR B 160 -2.87 8.81 2.81
N GLY B 161 -1.87 8.96 1.95
CA GLY B 161 -1.92 8.37 0.61
C GLY B 161 -2.32 9.39 -0.45
N ILE B 162 -3.07 10.40 -0.03
CA ILE B 162 -3.54 11.43 -0.94
C ILE B 162 -2.47 12.49 -1.16
N ASP B 163 -2.28 12.92 -2.41
CA ASP B 163 -1.18 13.80 -2.75
C ASP B 163 -1.60 15.16 -3.28
N TYR B 164 -0.65 16.09 -3.29
CA TYR B 164 -0.77 17.35 -3.99
C TYR B 164 0.53 17.58 -4.77
N ALA B 165 0.45 17.40 -6.08
CA ALA B 165 1.64 17.40 -6.94
C ALA B 165 2.64 16.35 -6.46
N GLN B 166 2.14 15.14 -6.23
CA GLN B 166 2.93 14.01 -5.76
C GLN B 166 3.62 14.28 -4.43
N ARG B 167 2.97 15.06 -3.57
CA ARG B 167 3.53 15.42 -2.29
C ARG B 167 2.59 15.05 -1.14
N TYR B 168 3.16 14.95 0.06
CA TYR B 168 2.40 14.74 1.30
C TYR B 168 1.69 13.39 1.40
N ARG B 169 2.04 12.42 0.56
CA ARG B 169 1.41 11.10 0.65
C ARG B 169 1.73 10.41 1.97
N HIS B 170 2.89 10.71 2.52
CA HIS B 170 3.41 10.01 3.68
C HIS B 170 2.92 10.60 5.01
N LEU B 171 2.05 11.57 4.94
CA LEU B 171 1.49 12.18 6.15
C LEU B 171 0.55 11.22 6.86
N PRO B 172 0.70 11.07 8.18
CA PRO B 172 -0.09 10.13 8.99
C PRO B 172 -1.48 10.67 9.32
N TYR B 173 -1.77 11.88 8.87
CA TYR B 173 -3.06 12.50 9.12
C TYR B 173 -3.63 13.09 7.83
N ILE B 174 -4.89 13.50 7.87
CA ILE B 174 -5.50 14.20 6.75
C ILE B 174 -5.40 15.71 6.98
N GLY B 175 -4.75 16.40 6.07
CA GLY B 175 -4.63 17.85 6.14
C GLY B 175 -5.31 18.51 4.96
N LYS B 176 -5.36 19.84 4.97
CA LYS B 176 -5.93 20.59 3.85
C LYS B 176 -4.97 21.66 3.35
N VAL B 177 -4.89 21.80 2.04
CA VAL B 177 -4.01 22.79 1.43
C VAL B 177 -4.67 24.17 1.39
N ILE B 178 -3.98 25.16 1.94
CA ILE B 178 -4.48 26.54 1.92
C ILE B 178 -3.48 27.47 1.24
N LEU B 179 -3.87 28.01 0.09
CA LEU B 179 -2.99 28.89 -0.69
C LEU B 179 -2.79 30.22 0.01
N LEU B 180 -1.79 30.98 -0.43
CA LEU B 180 -1.47 32.26 0.18
C LEU B 180 -1.85 33.42 -0.74
N ASP B 181 -3.09 33.89 -0.61
CA ASP B 181 -3.58 35.00 -1.41
C ASP B 181 -4.04 36.16 -0.53
C4 6W9 C . 8.61 -16.09 0.40
C5 6W9 C . 9.18 -16.68 1.53
C6 6W9 C . 8.39 -17.05 2.58
C8 6W9 C . 10.75 -16.19 0.03
N1 6W9 C . 7.03 -16.85 2.52
N3 6W9 C . 7.30 -15.89 0.32
OAD 6W9 C . 5.37 -13.29 -6.62
PAZ 6W9 C . 4.73 -13.96 -5.42
OAE 6W9 C . 3.85 -15.11 -5.89
OAB 6W9 C . 3.87 -12.92 -4.67
CAP 6W9 C . 6.06 -14.61 -4.27
CAK 6W9 C . 6.74 -13.45 -3.54
CAJ 6W9 C . 8.00 -12.98 -4.32
CAL 6W9 C . 9.01 -12.30 -3.31
NAX 6W9 C . 10.06 -13.26 -2.96
CAN 6W9 C . 11.32 -12.61 -3.03
CAQ 6W9 C . 12.22 -13.32 -4.05
PBA 6W9 C . 13.63 -12.20 -4.49
OAF 6W9 C . 13.12 -10.78 -4.56
OAG 6W9 C . 14.71 -12.26 -3.46
OAC 6W9 C . 14.18 -12.60 -5.84
CAM 6W9 C . 9.84 -13.76 -1.64
CAO 6W9 C . 9.40 -15.24 -1.69
N9 6W9 C . 9.59 -15.84 -0.41
C2 6W9 C . 6.45 -16.26 1.36
O6 6W9 C . 8.98 -17.65 3.76
N7 6W9 C . 10.57 -16.73 1.28
MG MG D . 8.13 -9.33 -2.14
C4 6W9 E . -8.42 14.67 -5.24
C5 6W9 E . -8.94 15.47 -4.22
C6 6W9 E . -8.10 16.00 -3.28
C8 6W9 E . -10.57 14.74 -5.55
N1 6W9 E . -6.75 15.76 -3.34
N3 6W9 E . -7.12 14.41 -5.32
OAD 6W9 E . -4.76 9.19 -10.09
PAZ 6W9 E . -4.20 10.57 -9.80
OAE 6W9 E . -3.84 11.25 -11.12
OAB 6W9 E . -2.95 10.46 -8.92
CAP 6W9 E . -5.50 11.59 -8.91
CAK 6W9 E . -6.53 10.66 -8.25
CAJ 6W9 E . -7.88 10.75 -9.02
CAL 6W9 E . -9.04 10.14 -8.13
NAX 6W9 E . -9.99 11.19 -7.76
CAN 6W9 E . -11.21 10.61 -7.36
CAQ 6W9 E . -11.82 9.73 -8.47
PBA 6W9 E . -13.66 9.73 -8.36
OAF 6W9 E . -14.17 8.34 -8.27
OAG 6W9 E . -14.23 10.40 -9.58
OAC 6W9 E . -14.12 10.50 -7.13
CAM 6W9 E . -9.46 11.97 -6.68
CAO 6W9 E . -9.31 13.46 -7.11
N9 6W9 E . -9.43 14.30 -5.95
C2 6W9 E . -6.22 14.95 -4.39
O6 6W9 E . -8.64 16.84 -2.22
N7 6W9 E . -10.33 15.51 -4.43
MG MG F . -7.96 7.26 -5.30
#